data_7UJV
#
_entry.id   7UJV
#
_cell.length_a   129.078
_cell.length_b   37.597
_cell.length_c   42.148
_cell.angle_alpha   90.000
_cell.angle_beta   90.000
_cell.angle_gamma   90.000
#
_symmetry.space_group_name_H-M   'P 21 21 2'
#
loop_
_entity.id
_entity.type
_entity.pdbx_description
1 polymer 'Egl nine homolog 1'
2 polymer 'Endothelial PAS domain-containing protein 1'
3 non-polymer N-OXALYLGLYCINE
4 non-polymer GLYCEROL
5 non-polymer 'FE (III) ION'
6 water water
#
loop_
_entity_poly.entity_id
_entity_poly.type
_entity_poly.pdbx_seq_one_letter_code
_entity_poly.pdbx_strand_id
1 'polypeptide(L)'
;GSGSPNGQTKPLPALKLALEYIVPCMNKHGICVVDDFLGKETGQQIGDEVRALHDTGKFTDGQLVSQKSDSSKDIRGDKI
TWIEGKEPGCETIGLLMSSMDDLIRHCNGKLGSYKINGRTKAMVACYPGNGTGYVRHVDNPNGDGRCVTCIYYLNKDWDA
KVSGGILRIFPEGKAQFADIEPKFDRLLFFWSDRRNPHEVQPAYATRYAITVWYFDADERARAKVKYLTGEKGVRVELNK
PSDSVGKDVF
;
B
2 'polypeptide(L)' ELDLETLAPYIPMDGEDFQL(NH2) A
#
# COMPACT_ATOMS: atom_id res chain seq x y z
N LEU A 12 17.65 -12.50 -7.79
CA LEU A 12 16.54 -12.69 -8.77
C LEU A 12 16.32 -11.40 -9.57
N PRO A 13 16.55 -11.43 -10.90
CA PRO A 13 16.08 -10.33 -11.77
C PRO A 13 14.59 -10.04 -11.62
N ALA A 14 14.20 -8.80 -11.91
CA ALA A 14 12.80 -8.40 -11.94
C ALA A 14 12.00 -9.28 -12.91
N LEU A 15 12.58 -9.59 -14.07
CA LEU A 15 11.88 -10.37 -15.07
C LEU A 15 11.48 -11.72 -14.49
N LYS A 16 12.40 -12.40 -13.80
CA LYS A 16 12.09 -13.73 -13.28
C LYS A 16 11.16 -13.62 -12.08
N LEU A 17 11.38 -12.64 -11.21
CA LEU A 17 10.49 -12.47 -10.06
C LEU A 17 9.06 -12.21 -10.53
N ALA A 18 8.94 -11.33 -11.52
CA ALA A 18 7.65 -10.93 -12.06
C ALA A 18 6.96 -12.10 -12.72
N LEU A 19 7.62 -12.77 -13.68
CA LEU A 19 6.93 -13.72 -14.52
C LEU A 19 6.80 -15.08 -13.83
N GLU A 20 7.75 -15.45 -12.98
CA GLU A 20 7.75 -16.79 -12.42
C GLU A 20 7.05 -16.82 -11.07
N TYR A 21 6.86 -15.65 -10.46
CA TYR A 21 6.29 -15.60 -9.12
C TYR A 21 5.13 -14.62 -9.04
N ILE A 22 5.37 -13.32 -9.30
CA ILE A 22 4.35 -12.32 -9.01
C ILE A 22 3.12 -12.60 -9.85
N VAL A 23 3.33 -12.81 -11.16
CA VAL A 23 2.22 -12.96 -12.07
C VAL A 23 1.37 -14.16 -11.66
N PRO A 24 1.90 -15.41 -11.58
CA PRO A 24 1.06 -16.56 -11.24
C PRO A 24 0.42 -16.39 -9.88
N CYS A 25 1.19 -15.84 -8.94
CA CYS A 25 0.73 -15.67 -7.58
C CYS A 25 -0.44 -14.70 -7.51
N MET A 26 -0.31 -13.54 -8.18
CA MET A 26 -1.39 -12.56 -8.21
C MET A 26 -2.61 -13.12 -8.95
N ASN A 27 -2.42 -13.82 -10.07
CA ASN A 27 -3.55 -14.34 -10.82
C ASN A 27 -4.24 -15.48 -10.08
N LYS A 28 -3.52 -16.23 -9.26
CA LYS A 28 -4.12 -17.38 -8.59
C LYS A 28 -4.65 -17.03 -7.20
N HIS A 29 -3.93 -16.20 -6.45
CA HIS A 29 -4.27 -15.95 -5.05
C HIS A 29 -4.70 -14.51 -4.81
N GLY A 30 -4.14 -13.57 -5.58
CA GLY A 30 -4.51 -12.16 -5.46
C GLY A 30 -3.75 -11.44 -4.33
N ILE A 31 -2.76 -12.14 -3.76
CA ILE A 31 -1.95 -11.71 -2.62
C ILE A 31 -0.60 -12.36 -2.81
N CYS A 32 0.46 -11.56 -2.85
CA CYS A 32 1.78 -12.10 -3.12
C CYS A 32 2.81 -11.40 -2.23
N VAL A 33 3.57 -12.19 -1.48
CA VAL A 33 4.59 -11.69 -0.57
C VAL A 33 5.98 -11.96 -1.15
N VAL A 34 6.82 -10.94 -1.11
CA VAL A 34 8.22 -11.10 -1.46
C VAL A 34 9.07 -10.69 -0.27
N ASP A 35 9.72 -11.66 0.37
CA ASP A 35 10.55 -11.34 1.52
C ASP A 35 11.96 -10.97 1.08
N ASP A 36 12.66 -10.24 1.95
CA ASP A 36 14.02 -9.80 1.68
C ASP A 36 14.07 -9.11 0.32
N PHE A 37 13.20 -8.12 0.13
CA PHE A 37 13.06 -7.54 -1.19
C PHE A 37 14.31 -6.78 -1.63
N LEU A 38 14.82 -5.86 -0.80
CA LEU A 38 15.91 -4.98 -1.18
C LEU A 38 17.22 -5.29 -0.44
N GLY A 39 17.14 -6.11 0.61
CA GLY A 39 18.30 -6.42 1.42
C GLY A 39 18.35 -5.50 2.62
N LYS A 40 19.11 -5.93 3.62
CA LYS A 40 19.08 -5.30 4.93
C LYS A 40 19.69 -3.92 4.83
N GLU A 41 20.68 -3.73 3.95
CA GLU A 41 21.38 -2.46 3.91
C GLU A 41 20.46 -1.39 3.34
N THR A 42 19.79 -1.67 2.22
CA THR A 42 18.84 -0.70 1.67
C THR A 42 17.61 -0.57 2.56
N GLY A 43 17.16 -1.67 3.16
CA GLY A 43 16.06 -1.64 4.10
C GLY A 43 16.31 -0.68 5.27
N GLN A 44 17.52 -0.71 5.85
CA GLN A 44 17.88 0.15 6.97
C GLN A 44 17.90 1.62 6.53
N GLN A 45 18.44 1.91 5.35
CA GLN A 45 18.47 3.26 4.83
C GLN A 45 17.04 3.80 4.67
N ILE A 46 16.12 2.97 4.14
CA ILE A 46 14.74 3.40 3.99
C ILE A 46 14.16 3.69 5.37
N GLY A 47 14.43 2.81 6.33
CA GLY A 47 13.94 3.00 7.68
C GLY A 47 14.47 4.30 8.33
N ASP A 48 15.69 4.71 8.00
CA ASP A 48 16.19 5.97 8.52
C ASP A 48 15.47 7.15 7.90
N GLU A 49 15.23 7.09 6.60
CA GLU A 49 14.55 8.18 5.92
C GLU A 49 13.16 8.37 6.50
N VAL A 50 12.51 7.24 6.84
CA VAL A 50 11.16 7.26 7.39
C VAL A 50 11.20 7.83 8.81
N ARG A 51 12.20 7.42 9.60
CA ARG A 51 12.37 7.94 10.95
C ARG A 51 12.55 9.46 10.88
N ALA A 52 13.37 9.91 9.92
CA ALA A 52 13.63 11.33 9.74
C ALA A 52 12.35 12.09 9.46
N LEU A 53 11.49 11.56 8.58
CA LEU A 53 10.20 12.18 8.31
C LEU A 53 9.37 12.27 9.59
N HIS A 54 9.34 11.15 10.32
CA HIS A 54 8.56 11.05 11.55
C HIS A 54 9.03 12.11 12.55
N ASP A 55 10.35 12.13 12.78
CA ASP A 55 11.05 12.98 13.73
C ASP A 55 10.87 14.46 13.40
N THR A 56 10.81 14.79 12.10
CA THR A 56 10.74 16.18 11.67
C THR A 56 9.28 16.61 11.48
N GLY A 57 8.33 15.82 11.98
CA GLY A 57 6.93 16.22 12.05
C GLY A 57 6.23 16.30 10.70
N LYS A 58 6.64 15.48 9.72
CA LYS A 58 6.04 15.51 8.40
C LYS A 58 4.69 14.81 8.37
N PHE A 59 4.44 13.89 9.30
CA PHE A 59 3.25 13.06 9.22
C PHE A 59 2.04 13.81 9.71
N THR A 60 0.91 13.57 9.03
CA THR A 60 -0.41 14.05 9.45
C THR A 60 -1.41 12.90 9.37
N ASP A 61 -2.57 13.12 9.97
CA ASP A 61 -3.61 12.12 10.06
C ASP A 61 -3.93 11.56 8.68
N GLY A 62 -3.99 10.24 8.60
CA GLY A 62 -4.43 9.54 7.39
C GLY A 62 -5.90 9.85 7.10
N GLN A 63 -6.20 10.07 5.81
CA GLN A 63 -7.50 10.55 5.39
C GLN A 63 -8.28 9.46 4.67
N LEU A 64 -9.56 9.73 4.45
CA LEU A 64 -10.46 8.79 3.79
C LEU A 64 -10.91 9.41 2.49
N VAL A 65 -11.33 8.53 1.58
CA VAL A 65 -11.76 8.97 0.27
C VAL A 65 -13.00 9.84 0.44
N SER A 66 -13.93 9.34 1.25
CA SER A 66 -15.15 10.06 1.53
C SER A 66 -15.30 10.23 3.03
N GLN A 67 -15.19 11.48 3.47
CA GLN A 67 -15.22 11.80 4.87
C GLN A 67 -16.66 12.14 5.25
N LYS A 68 -17.21 11.46 6.26
CA LYS A 68 -18.57 11.71 6.71
C LYS A 68 -18.53 12.20 8.15
N SER A 69 -19.45 11.71 8.99
CA SER A 69 -19.66 12.29 10.31
C SER A 69 -18.52 11.92 11.28
N ASP A 70 -17.93 10.74 11.13
CA ASP A 70 -16.90 10.29 12.05
C ASP A 70 -15.55 10.81 11.63
N SER A 71 -14.66 10.95 12.61
CA SER A 71 -13.29 11.36 12.39
C SER A 71 -12.56 10.26 11.61
N SER A 72 -11.63 10.68 10.76
CA SER A 72 -10.71 9.78 10.09
C SER A 72 -10.03 8.84 11.12
N LYS A 73 -9.73 9.38 12.32
CA LYS A 73 -9.06 8.64 13.39
C LYS A 73 -9.89 7.50 13.97
N ASP A 74 -11.19 7.51 13.77
CA ASP A 74 -12.04 6.40 14.17
C ASP A 74 -11.88 5.23 13.20
N ILE A 75 -11.35 5.50 12.01
CA ILE A 75 -11.29 4.53 10.95
C ILE A 75 -9.84 4.07 10.82
N ARG A 76 -8.91 5.01 10.65
CA ARG A 76 -7.51 4.64 10.54
C ARG A 76 -6.72 5.49 11.53
N GLY A 77 -5.87 4.81 12.28
CA GLY A 77 -5.09 5.41 13.35
C GLY A 77 -3.67 5.77 12.94
N ASP A 78 -3.39 5.81 11.63
CA ASP A 78 -2.05 6.11 11.15
C ASP A 78 -1.89 7.58 10.81
N LYS A 79 -0.62 7.97 10.72
CA LYS A 79 -0.26 9.27 10.21
C LYS A 79 0.77 9.05 9.11
N ILE A 80 0.71 9.92 8.12
CA ILE A 80 1.29 9.63 6.83
C ILE A 80 1.89 10.89 6.25
N THR A 81 2.74 10.67 5.27
CA THR A 81 3.09 11.71 4.34
C THR A 81 3.22 11.07 2.96
N TRP A 82 3.18 11.91 1.94
CA TRP A 82 3.29 11.47 0.56
C TRP A 82 4.66 11.83 0.06
N ILE A 83 5.33 10.86 -0.59
CA ILE A 83 6.68 11.04 -1.08
C ILE A 83 6.70 10.76 -2.58
N GLU A 84 7.29 11.69 -3.34
CA GLU A 84 7.51 11.53 -4.78
C GLU A 84 8.76 10.70 -5.05
N GLY A 85 9.74 10.77 -4.16
CA GLY A 85 10.92 9.90 -4.23
C GLY A 85 12.17 10.70 -4.59
N LYS A 86 11.98 11.97 -5.01
CA LYS A 86 13.07 12.83 -5.43
C LYS A 86 13.38 13.88 -4.36
N GLU A 87 12.65 13.90 -3.25
CA GLU A 87 12.91 14.88 -2.20
C GLU A 87 14.23 14.54 -1.50
N PRO A 88 15.01 15.56 -1.09
CA PRO A 88 16.32 15.31 -0.48
C PRO A 88 16.12 14.63 0.87
N GLY A 89 16.91 13.58 1.13
CA GLY A 89 16.69 12.74 2.29
C GLY A 89 15.61 11.67 2.09
N CYS A 90 15.06 11.55 0.86
CA CYS A 90 14.09 10.52 0.54
C CYS A 90 14.51 9.67 -0.65
N GLU A 91 15.81 9.69 -0.99
CA GLU A 91 16.25 9.11 -2.25
C GLU A 91 16.13 7.59 -2.21
N THR A 92 16.36 6.99 -1.04
CA THR A 92 16.24 5.54 -0.91
C THR A 92 14.78 5.09 -1.01
N ILE A 93 13.84 5.88 -0.48
CA ILE A 93 12.44 5.64 -0.74
C ILE A 93 12.17 5.68 -2.24
N GLY A 94 12.74 6.68 -2.93
CA GLY A 94 12.70 6.75 -4.37
C GLY A 94 13.28 5.50 -5.04
N LEU A 95 14.36 4.93 -4.52
CA LEU A 95 14.87 3.70 -5.10
C LEU A 95 13.88 2.56 -4.90
N LEU A 96 13.23 2.52 -3.73
CA LEU A 96 12.23 1.51 -3.46
C LEU A 96 11.10 1.63 -4.49
N MET A 97 10.65 2.87 -4.71
CA MET A 97 9.55 3.16 -5.61
C MET A 97 9.93 2.75 -7.03
N SER A 98 11.14 3.07 -7.48
CA SER A 98 11.62 2.62 -8.78
C SER A 98 11.68 1.09 -8.85
N SER A 99 12.08 0.44 -7.76
CA SER A 99 12.18 -1.01 -7.75
C SER A 99 10.81 -1.65 -7.87
N MET A 100 9.81 -1.05 -7.19
CA MET A 100 8.43 -1.51 -7.29
C MET A 100 7.94 -1.33 -8.72
N ASP A 101 8.14 -0.12 -9.24
CA ASP A 101 7.78 0.25 -10.60
C ASP A 101 8.36 -0.74 -11.62
N ASP A 102 9.64 -1.08 -11.46
CA ASP A 102 10.33 -2.02 -12.33
C ASP A 102 9.59 -3.37 -12.31
N LEU A 103 9.19 -3.81 -11.12
CA LEU A 103 8.53 -5.10 -11.03
C LEU A 103 7.22 -5.04 -11.80
N ILE A 104 6.46 -3.98 -11.55
CA ILE A 104 5.15 -3.86 -12.17
C ILE A 104 5.29 -3.78 -13.68
N ARG A 105 6.29 -3.03 -14.16
CA ARG A 105 6.50 -2.90 -15.59
C ARG A 105 6.80 -4.27 -16.22
N HIS A 106 7.51 -5.16 -15.50
CA HIS A 106 7.81 -6.49 -16.03
C HIS A 106 6.59 -7.42 -15.97
N CYS A 107 5.53 -7.02 -15.25
CA CYS A 107 4.29 -7.78 -15.20
C CYS A 107 3.30 -7.36 -16.30
N ASN A 108 3.65 -6.37 -17.14
CA ASN A 108 2.64 -5.73 -17.96
C ASN A 108 1.93 -6.71 -18.87
N GLY A 109 0.61 -6.56 -18.88
CA GLY A 109 -0.23 -7.35 -19.75
C GLY A 109 -0.51 -8.74 -19.18
N LYS A 110 -0.05 -9.01 -17.96
CA LYS A 110 -0.22 -10.34 -17.41
C LYS A 110 -0.85 -10.30 -16.01
N LEU A 111 -1.14 -9.11 -15.49
CA LEU A 111 -1.85 -8.99 -14.23
C LEU A 111 -3.34 -8.82 -14.52
N GLY A 112 -4.08 -9.92 -14.44
CA GLY A 112 -5.45 -9.95 -14.92
C GLY A 112 -5.52 -9.35 -16.32
N SER A 113 -6.50 -8.47 -16.55
CA SER A 113 -6.61 -7.80 -17.84
C SER A 113 -6.35 -6.31 -17.64
N TYR A 114 -5.67 -5.99 -16.54
CA TYR A 114 -5.30 -4.64 -16.22
C TYR A 114 -4.20 -4.16 -17.15
N LYS A 115 -4.22 -2.86 -17.46
CA LYS A 115 -3.11 -2.23 -18.14
C LYS A 115 -2.60 -1.10 -17.24
N ILE A 116 -1.46 -1.33 -16.59
CA ILE A 116 -1.06 -0.47 -15.50
C ILE A 116 -0.18 0.62 -16.08
N ASN A 117 -0.65 1.86 -16.01
CA ASN A 117 0.08 2.93 -16.67
C ASN A 117 0.66 3.91 -15.66
N GLY A 118 0.28 3.82 -14.39
CA GLY A 118 0.65 4.86 -13.45
C GLY A 118 0.40 4.45 -12.01
N ARG A 119 0.76 5.33 -11.10
CA ARG A 119 0.59 5.02 -9.69
C ARG A 119 0.46 6.31 -8.91
N THR A 120 0.16 6.14 -7.62
CA THR A 120 0.24 7.20 -6.65
C THR A 120 1.70 7.52 -6.32
N LYS A 121 1.89 8.65 -5.66
CA LYS A 121 3.04 8.88 -4.80
C LYS A 121 3.02 7.82 -3.69
N ALA A 122 4.18 7.68 -3.04
CA ALA A 122 4.31 6.72 -1.94
C ALA A 122 3.64 7.31 -0.72
N MET A 123 2.78 6.48 -0.12
CA MET A 123 2.23 6.81 1.18
C MET A 123 3.12 6.16 2.25
N VAL A 124 3.83 7.01 3.00
CA VAL A 124 4.62 6.59 4.14
C VAL A 124 3.73 6.75 5.36
N ALA A 125 3.51 5.65 6.08
CA ALA A 125 2.50 5.60 7.12
C ALA A 125 3.10 4.98 8.36
N CYS A 126 2.68 5.54 9.49
CA CYS A 126 3.15 5.12 10.79
C CYS A 126 1.91 4.96 11.66
N TYR A 127 1.73 3.75 12.19
CA TYR A 127 0.85 3.51 13.32
C TYR A 127 1.68 3.69 14.60
N PRO A 128 1.48 4.77 15.39
CA PRO A 128 2.32 5.09 16.55
C PRO A 128 2.01 4.23 17.77
N GLY A 129 1.93 2.92 17.58
CA GLY A 129 1.49 2.01 18.62
C GLY A 129 0.13 2.40 19.21
N ASN A 130 -0.04 2.14 20.51
CA ASN A 130 -1.18 2.65 21.27
C ASN A 130 -2.46 1.98 20.82
N GLY A 131 -2.39 0.80 20.22
CA GLY A 131 -3.58 0.14 19.76
C GLY A 131 -4.13 0.74 18.48
N THR A 132 -3.37 1.59 17.80
CA THR A 132 -3.85 2.13 16.54
C THR A 132 -3.89 1.01 15.50
N GLY A 133 -4.91 1.09 14.64
CA GLY A 133 -4.96 0.25 13.46
C GLY A 133 -5.81 0.90 12.39
N TYR A 134 -6.35 0.03 11.53
CA TYR A 134 -7.19 0.39 10.42
C TYR A 134 -8.31 -0.65 10.40
N VAL A 135 -9.54 -0.20 10.62
CA VAL A 135 -10.71 -1.05 10.54
C VAL A 135 -10.76 -1.71 9.16
N ARG A 136 -11.47 -2.83 9.09
CA ARG A 136 -11.75 -3.50 7.84
C ARG A 136 -12.21 -2.54 6.75
N HIS A 137 -11.51 -2.60 5.61
CA HIS A 137 -11.79 -1.75 4.47
C HIS A 137 -11.36 -2.44 3.17
N VAL A 138 -11.79 -1.82 2.08
CA VAL A 138 -11.35 -2.12 0.74
C VAL A 138 -10.65 -0.89 0.23
N ASP A 139 -9.48 -1.07 -0.39
CA ASP A 139 -8.69 0.07 -0.80
C ASP A 139 -9.44 0.81 -1.90
N ASN A 140 -9.98 0.04 -2.85
CA ASN A 140 -10.68 0.62 -3.99
C ASN A 140 -12.05 -0.03 -4.13
N PRO A 141 -13.07 0.40 -3.37
CA PRO A 141 -14.38 -0.27 -3.43
C PRO A 141 -15.29 0.17 -4.57
N ASN A 142 -15.08 1.38 -5.13
CA ASN A 142 -16.07 2.00 -6.01
C ASN A 142 -15.44 2.35 -7.37
N GLY A 143 -14.29 1.76 -7.71
CA GLY A 143 -13.69 1.95 -9.03
C GLY A 143 -12.94 3.26 -9.20
N ASP A 144 -11.98 3.56 -8.30
CA ASP A 144 -11.22 4.80 -8.35
C ASP A 144 -9.95 4.64 -9.19
N GLY A 145 -9.76 3.46 -9.78
CA GLY A 145 -8.60 3.23 -10.64
C GLY A 145 -7.53 2.33 -10.02
N ARG A 146 -7.45 2.24 -8.69
CA ARG A 146 -6.40 1.45 -8.06
C ARG A 146 -6.62 -0.04 -8.29
N CYS A 147 -5.65 -0.74 -8.89
CA CYS A 147 -5.83 -2.15 -9.17
C CYS A 147 -4.87 -3.00 -8.34
N VAL A 148 -3.68 -2.47 -8.02
CA VAL A 148 -2.73 -3.20 -7.21
C VAL A 148 -2.23 -2.34 -6.05
N THR A 149 -2.34 -2.89 -4.84
CA THR A 149 -1.74 -2.29 -3.67
C THR A 149 -0.38 -2.93 -3.43
N CYS A 150 0.64 -2.09 -3.25
CA CYS A 150 1.98 -2.55 -3.05
C CYS A 150 2.51 -1.94 -1.75
N ILE A 151 2.88 -2.78 -0.77
CA ILE A 151 3.32 -2.28 0.52
C ILE A 151 4.69 -2.86 0.85
N TYR A 152 5.60 -1.96 1.27
CA TYR A 152 6.90 -2.33 1.78
C TYR A 152 6.97 -2.03 3.28
N TYR A 153 7.31 -3.05 4.07
CA TYR A 153 7.40 -2.93 5.51
C TYR A 153 8.85 -2.74 5.92
N LEU A 154 9.08 -2.01 7.01
CA LEU A 154 10.45 -1.73 7.38
C LEU A 154 10.61 -1.76 8.90
N ASN A 155 9.96 -2.71 9.57
CA ASN A 155 9.94 -2.75 11.02
C ASN A 155 10.91 -3.82 11.51
N LYS A 156 12.14 -3.40 11.87
CA LYS A 156 13.13 -4.27 12.50
C LYS A 156 12.57 -4.72 13.84
N ASP A 157 12.84 -5.97 14.22
CA ASP A 157 12.50 -6.45 15.55
C ASP A 157 11.00 -6.47 15.82
N TRP A 158 10.16 -6.55 14.78
CA TRP A 158 8.74 -6.67 15.00
C TRP A 158 8.37 -8.07 15.47
N ASP A 159 7.69 -8.19 16.62
CA ASP A 159 7.14 -9.44 17.10
C ASP A 159 5.64 -9.24 17.17
N ALA A 160 4.92 -9.79 16.19
CA ALA A 160 3.49 -9.57 16.08
C ALA A 160 2.72 -10.16 17.26
N LYS A 161 3.21 -11.23 17.89
CA LYS A 161 2.45 -11.77 19.02
C LYS A 161 2.43 -10.78 20.18
N VAL A 162 3.41 -9.86 20.25
CA VAL A 162 3.48 -8.87 21.32
C VAL A 162 3.02 -7.49 20.85
N SER A 163 3.41 -7.09 19.63
CA SER A 163 3.16 -5.73 19.17
C SER A 163 1.97 -5.65 18.20
N GLY A 164 1.39 -6.79 17.82
CA GLY A 164 0.24 -6.85 16.94
C GLY A 164 0.56 -6.30 15.55
N GLY A 165 -0.35 -5.46 15.03
CA GLY A 165 -0.13 -4.76 13.76
C GLY A 165 -0.17 -5.69 12.54
N ILE A 166 -0.82 -6.84 12.67
CA ILE A 166 -0.98 -7.72 11.53
C ILE A 166 -1.91 -7.08 10.51
N LEU A 167 -1.49 -7.12 9.24
CA LEU A 167 -2.40 -6.94 8.13
C LEU A 167 -3.08 -8.28 7.87
N ARG A 168 -4.38 -8.33 8.15
CA ARG A 168 -5.17 -9.50 7.84
C ARG A 168 -6.02 -9.18 6.62
N ILE A 169 -5.87 -10.02 5.60
CA ILE A 169 -6.60 -9.87 4.37
C ILE A 169 -7.57 -11.06 4.32
N PHE A 170 -8.77 -10.79 3.78
CA PHE A 170 -9.82 -11.78 3.65
C PHE A 170 -10.14 -11.99 2.17
N PRO A 171 -9.28 -12.73 1.44
CA PRO A 171 -9.45 -12.91 0.01
C PRO A 171 -10.78 -13.60 -0.28
N GLU A 172 -11.54 -13.02 -1.18
CA GLU A 172 -12.90 -13.47 -1.43
C GLU A 172 -12.85 -14.93 -1.87
N GLY A 173 -13.72 -15.74 -1.27
CA GLY A 173 -13.93 -17.11 -1.70
C GLY A 173 -12.90 -18.11 -1.19
N LYS A 174 -11.95 -17.66 -0.36
CA LYS A 174 -10.86 -18.52 0.06
C LYS A 174 -11.15 -19.13 1.41
N ALA A 175 -10.61 -20.34 1.61
CA ALA A 175 -10.81 -21.13 2.82
C ALA A 175 -10.06 -20.54 4.01
N GLN A 176 -9.03 -19.72 3.75
CA GLN A 176 -8.22 -19.13 4.80
C GLN A 176 -8.05 -17.64 4.48
N PHE A 177 -7.99 -16.82 5.53
CA PHE A 177 -7.56 -15.44 5.41
C PHE A 177 -6.04 -15.43 5.43
N ALA A 178 -5.47 -14.28 5.08
CA ALA A 178 -4.03 -14.12 5.00
C ALA A 178 -3.57 -13.14 6.08
N ASP A 179 -2.69 -13.62 6.95
CA ASP A 179 -2.06 -12.79 7.98
C ASP A 179 -0.66 -12.44 7.52
N ILE A 180 -0.44 -11.14 7.30
CA ILE A 180 0.84 -10.61 6.88
C ILE A 180 1.44 -9.86 8.06
N GLU A 181 2.52 -10.39 8.60
CA GLU A 181 3.31 -9.67 9.59
C GLU A 181 4.06 -8.55 8.89
N PRO A 182 4.11 -7.34 9.49
CA PRO A 182 4.75 -6.17 8.87
C PRO A 182 6.28 -6.21 9.01
N LYS A 183 6.86 -7.29 8.52
CA LYS A 183 8.24 -7.64 8.77
C LYS A 183 9.16 -6.80 7.89
N PHE A 184 10.34 -6.55 8.43
CA PHE A 184 11.37 -5.78 7.76
C PHE A 184 11.72 -6.34 6.37
N ASP A 185 11.76 -5.43 5.40
CA ASP A 185 12.18 -5.67 4.03
C ASP A 185 11.18 -6.60 3.31
N ARG A 186 9.93 -6.62 3.77
CA ARG A 186 8.92 -7.45 3.13
C ARG A 186 8.10 -6.59 2.18
N LEU A 187 7.97 -7.08 0.96
CA LEU A 187 7.15 -6.44 -0.06
C LEU A 187 5.89 -7.29 -0.26
N LEU A 188 4.75 -6.61 -0.34
CA LEU A 188 3.45 -7.23 -0.51
C LEU A 188 2.69 -6.57 -1.65
N PHE A 189 2.12 -7.41 -2.51
CA PHE A 189 1.17 -7.02 -3.56
C PHE A 189 -0.17 -7.69 -3.27
N PHE A 190 -1.25 -6.93 -3.46
CA PHE A 190 -2.58 -7.52 -3.48
C PHE A 190 -3.49 -6.67 -4.33
N TRP A 191 -4.51 -7.29 -4.94
CA TRP A 191 -5.52 -6.57 -5.68
C TRP A 191 -6.23 -5.62 -4.74
N SER A 192 -6.37 -4.35 -5.18
CA SER A 192 -6.89 -3.28 -4.34
C SER A 192 -8.41 -3.32 -4.20
N ASP A 193 -9.10 -4.05 -5.08
CA ASP A 193 -10.55 -4.00 -5.16
C ASP A 193 -11.17 -4.91 -4.10
N ARG A 194 -12.47 -5.16 -4.26
CA ARG A 194 -13.27 -5.80 -3.22
C ARG A 194 -12.93 -7.28 -3.03
N ARG A 195 -12.06 -7.85 -3.87
CA ARG A 195 -11.60 -9.21 -3.61
C ARG A 195 -10.83 -9.30 -2.29
N ASN A 196 -10.17 -8.20 -1.88
CA ASN A 196 -9.26 -8.22 -0.74
C ASN A 196 -9.63 -7.17 0.31
N PRO A 197 -10.77 -7.35 1.02
CA PRO A 197 -11.00 -6.61 2.25
C PRO A 197 -9.89 -6.97 3.22
N HIS A 198 -9.48 -5.99 4.02
CA HIS A 198 -8.35 -6.13 4.91
C HIS A 198 -8.44 -5.12 6.05
N GLU A 199 -7.63 -5.40 7.06
CA GLU A 199 -7.57 -4.58 8.25
C GLU A 199 -6.16 -4.59 8.79
N VAL A 200 -5.80 -3.50 9.47
CA VAL A 200 -4.58 -3.44 10.25
C VAL A 200 -4.98 -3.63 11.71
N GLN A 201 -4.61 -4.79 12.24
CA GLN A 201 -4.98 -5.08 13.63
C GLN A 201 -4.15 -4.20 14.57
N PRO A 202 -4.67 -3.93 15.79
CA PRO A 202 -4.04 -2.96 16.68
C PRO A 202 -2.54 -3.19 16.84
N ALA A 203 -1.78 -2.09 16.73
CA ALA A 203 -0.35 -2.07 16.86
C ALA A 203 0.03 -1.46 18.22
N TYR A 204 1.01 -2.06 18.90
CA TYR A 204 1.43 -1.59 20.21
C TYR A 204 2.91 -1.19 20.19
N ALA A 205 3.51 -1.11 19.00
CA ALA A 205 4.78 -0.45 18.81
C ALA A 205 4.64 0.37 17.52
N THR A 206 5.62 1.20 17.25
CA THR A 206 5.61 2.05 16.08
C THR A 206 5.77 1.19 14.83
N ARG A 207 4.80 1.26 13.91
CA ARG A 207 4.79 0.38 12.75
C ARG A 207 4.87 1.25 11.50
N TYR A 208 5.88 1.01 10.68
CA TYR A 208 6.04 1.77 9.45
C TYR A 208 5.81 0.89 8.23
N ALA A 209 5.23 1.50 7.19
CA ALA A 209 5.06 0.83 5.92
C ALA A 209 4.99 1.89 4.85
N ILE A 210 5.43 1.56 3.64
CA ILE A 210 5.28 2.46 2.52
C ILE A 210 4.40 1.79 1.48
N THR A 211 3.32 2.49 1.11
CA THR A 211 2.35 1.98 0.14
C THR A 211 2.42 2.81 -1.13
N VAL A 212 2.38 2.09 -2.25
CA VAL A 212 2.07 2.70 -3.53
C VAL A 212 0.90 1.92 -4.09
N TRP A 213 -0.05 2.63 -4.70
CA TRP A 213 -1.12 2.00 -5.45
C TRP A 213 -0.89 2.19 -6.94
N TYR A 214 -1.02 1.08 -7.67
CA TYR A 214 -0.95 1.12 -9.12
C TYR A 214 -2.34 1.23 -9.72
N PHE A 215 -2.43 2.05 -10.80
CA PHE A 215 -3.66 2.36 -11.50
C PHE A 215 -3.77 1.55 -12.79
N ASP A 216 -4.96 0.95 -12.99
CA ASP A 216 -5.39 0.51 -14.33
C ASP A 216 -5.76 1.72 -15.17
N ALA A 217 -5.19 1.79 -16.38
CA ALA A 217 -5.35 2.93 -17.27
C ALA A 217 -6.84 3.26 -17.50
N ASP A 218 -7.62 2.26 -17.90
CA ASP A 218 -9.01 2.48 -18.27
C ASP A 218 -9.85 2.83 -17.04
N GLU A 219 -9.70 2.07 -15.94
CA GLU A 219 -10.48 2.35 -14.76
C GLU A 219 -10.14 3.72 -14.20
N ARG A 220 -8.86 4.08 -14.23
CA ARG A 220 -8.43 5.33 -13.63
C ARG A 220 -8.94 6.49 -14.49
N ALA A 221 -9.00 6.28 -15.81
CA ALA A 221 -9.56 7.29 -16.68
C ALA A 221 -11.03 7.51 -16.33
N ARG A 222 -11.81 6.43 -16.16
CA ARG A 222 -13.22 6.56 -15.83
C ARG A 222 -13.41 7.26 -14.48
N ALA A 223 -12.52 6.96 -13.52
CA ALA A 223 -12.58 7.53 -12.18
C ALA A 223 -12.36 9.05 -12.24
N LYS A 224 -11.36 9.45 -13.01
CA LYS A 224 -11.07 10.87 -13.20
C LYS A 224 -12.27 11.55 -13.87
N VAL A 225 -12.89 10.87 -14.83
CA VAL A 225 -14.05 11.44 -15.51
C VAL A 225 -15.18 11.63 -14.50
N LYS A 226 -15.51 10.60 -13.72
CA LYS A 226 -16.59 10.69 -12.76
C LYS A 226 -16.31 11.82 -11.77
N TYR A 227 -15.06 11.90 -11.30
CA TYR A 227 -14.66 12.89 -10.32
C TYR A 227 -14.72 14.31 -10.89
N LEU A 228 -14.19 14.50 -12.11
CA LEU A 228 -14.14 15.82 -12.70
C LEU A 228 -15.54 16.31 -13.08
N THR A 229 -16.52 15.40 -13.19
CA THR A 229 -17.90 15.77 -13.45
C THR A 229 -18.83 15.23 -12.35
N GLY A 230 -18.33 15.18 -11.11
CA GLY A 230 -19.01 14.45 -10.05
C GLY A 230 -20.00 15.32 -9.31
N GLU B 1 -26.53 -1.06 2.65
CA GLU B 1 -25.08 -1.35 2.87
C GLU B 1 -24.32 -0.02 2.93
N LEU B 2 -23.18 -0.05 3.63
CA LEU B 2 -22.36 1.12 3.86
C LEU B 2 -21.68 1.55 2.56
N ASP B 3 -21.50 2.86 2.39
CA ASP B 3 -20.58 3.39 1.39
C ASP B 3 -19.13 3.08 1.84
N LEU B 4 -18.49 2.13 1.17
CA LEU B 4 -17.17 1.70 1.55
C LEU B 4 -16.13 2.77 1.24
N GLU B 5 -16.48 3.77 0.42
CA GLU B 5 -15.53 4.87 0.22
C GLU B 5 -15.31 5.63 1.53
N THR B 6 -16.23 5.52 2.50
CA THR B 6 -16.05 6.25 3.75
C THR B 6 -15.00 5.55 4.62
N LEU B 7 -14.54 4.35 4.21
CA LEU B 7 -13.49 3.63 4.93
C LEU B 7 -12.19 3.53 4.11
N ALA B 8 -12.23 3.92 2.85
CA ALA B 8 -11.12 3.66 1.94
C ALA B 8 -10.02 4.71 2.11
N PRO B 9 -8.73 4.34 1.98
CA PRO B 9 -7.63 5.29 2.15
C PRO B 9 -7.63 6.36 1.04
N TYR B 10 -7.52 7.61 1.46
CA TYR B 10 -7.52 8.74 0.53
C TYR B 10 -6.39 8.65 -0.48
N ILE B 11 -6.68 8.95 -1.75
CA ILE B 11 -5.64 9.31 -2.70
C ILE B 11 -6.05 10.59 -3.43
N PRO B 12 -5.07 11.45 -3.79
CA PRO B 12 -5.32 12.60 -4.66
C PRO B 12 -6.04 12.13 -5.92
N MET B 13 -7.14 12.80 -6.25
CA MET B 13 -8.00 12.31 -7.32
C MET B 13 -7.82 13.12 -8.60
N ASP B 14 -6.78 13.99 -8.68
CA ASP B 14 -6.40 14.59 -9.94
C ASP B 14 -5.03 15.27 -9.87
N GLY B 15 -4.20 15.04 -10.90
CA GLY B 15 -3.02 15.84 -11.14
C GLY B 15 -1.87 15.52 -10.18
N GLU B 16 -1.90 14.34 -9.56
CA GLU B 16 -0.78 13.87 -8.74
C GLU B 16 -0.34 12.45 -9.19
N ASP B 17 -0.88 11.94 -10.32
CA ASP B 17 -0.64 10.54 -10.70
C ASP B 17 0.65 10.42 -11.51
N PHE B 18 1.58 9.60 -11.00
CA PHE B 18 2.83 9.32 -11.68
C PHE B 18 2.59 8.34 -12.83
N GLN B 19 3.06 8.73 -14.03
CA GLN B 19 2.97 7.88 -15.21
C GLN B 19 4.21 6.98 -15.27
N LEU B 20 4.01 5.68 -15.44
CA LEU B 20 5.12 4.74 -15.41
C LEU B 20 5.81 4.67 -16.78
#